data_4IKB
#
_entry.id   4IKB
#
_cell.length_a   53.480
_cell.length_b   38.740
_cell.length_c   73.460
_cell.angle_alpha   90.000
_cell.angle_beta   101.130
_cell.angle_gamma   90.000
#
_symmetry.space_group_name_H-M   'P 1 21 1'
#
loop_
_entity.id
_entity.type
_entity.pdbx_description
1 polymer 'Sorting nexin-11'
2 polymer 'Sorting nexin-11'
3 non-polymer 'SULFATE ION'
4 non-polymer 3,6,9,12,15,18,21,24-OCTAOXAHEXACOSAN-1-OL
5 non-polymer 'CHLORIDE ION'
6 non-polymer 'SODIUM ION'
7 water water
#
loop_
_entity_poly.entity_id
_entity_poly.type
_entity_poly.pdbx_seq_one_letter_code
_entity_poly.pdbx_strand_id
1 'polypeptide(L)'
;MSENQEQEEVITVRVQDPRVQNEGSWNSYVDYKIFLHTNSKAFTAKTS(CAS)VRRRYREFVWLRKQLQRNAGLVPVPEL
PGKSTFFGTSDEFIEKRRQGLQHFLEKVLQSVVLLSDSQLHLFLQSQLSVPEIEA(CAS)VQGRLEHHHHHH
;
A
2 'polypeptide(L)'
;MSENQEQEEVITVRVQDPRVQNEGSWNSYVDYKIFLHTNSKAFTAKTS(CAS)VRRRYREFVWLRKQLQRNAGLVPVPEL
PGKSTFFGTSDEFIEKRRQGLQHFLEKVLQSVVLLSDSQLHLFLQSQLSVPEIEA(SCS)VQGRLEHHHHHH
;
B
#
# COMPACT_ATOMS: atom_id res chain seq x y z
N GLU A 9 17.39 27.03 -8.08
CA GLU A 9 16.39 26.13 -8.70
C GLU A 9 16.72 24.63 -8.53
N VAL A 10 17.97 24.32 -8.16
CA VAL A 10 18.29 22.92 -7.86
C VAL A 10 17.89 22.55 -6.41
N ILE A 11 17.11 21.49 -6.28
CA ILE A 11 16.84 20.90 -4.96
C ILE A 11 17.03 19.39 -5.14
N THR A 12 18.06 18.83 -4.54
CA THR A 12 18.33 17.39 -4.65
C THR A 12 18.08 16.74 -3.31
N VAL A 13 17.20 15.76 -3.26
CA VAL A 13 16.92 15.05 -2.02
C VAL A 13 17.27 13.58 -2.16
N ARG A 14 17.78 12.99 -1.08
CA ARG A 14 18.09 11.59 -1.05
C ARG A 14 17.67 11.02 0.26
N VAL A 15 17.10 9.83 0.22
CA VAL A 15 16.82 9.07 1.43
C VAL A 15 17.68 7.84 1.45
N GLN A 16 18.49 7.67 2.51
CA GLN A 16 19.48 6.59 2.52
C GLN A 16 19.65 5.98 3.91
N ASP A 17 20.46 4.92 3.99
CA ASP A 17 21.00 4.48 5.25
C ASP A 17 19.98 4.17 6.37
N PRO A 18 19.07 3.23 6.10
CA PRO A 18 18.17 2.83 7.18
C PRO A 18 18.98 2.28 8.32
N ARG A 19 18.63 2.69 9.54
CA ARG A 19 19.27 2.22 10.79
CA ARG A 19 19.25 2.11 10.73
C ARG A 19 18.20 1.84 11.82
N VAL A 20 18.45 0.79 12.60
CA VAL A 20 17.51 0.43 13.66
C VAL A 20 17.88 1.17 14.92
N GLN A 21 16.90 1.86 15.47
CA GLN A 21 17.02 2.56 16.73
C GLN A 21 16.40 1.74 17.85
N ASN A 22 17.00 1.80 19.03
CA ASN A 22 16.55 1.00 20.21
C ASN A 22 16.40 -0.46 19.89
N GLU A 23 17.34 -1.03 19.15
CA GLU A 23 17.18 -2.39 18.64
C GLU A 23 16.95 -3.34 19.82
N GLY A 24 16.07 -4.31 19.62
CA GLY A 24 15.75 -5.30 20.67
C GLY A 24 14.70 -4.87 21.69
N SER A 25 14.36 -3.59 21.72
CA SER A 25 13.53 -3.06 22.79
C SER A 25 12.10 -2.86 22.31
N TRP A 26 11.21 -2.75 23.27
CA TRP A 26 9.82 -2.44 23.01
C TRP A 26 9.60 -1.32 22.03
N ASN A 27 10.44 -0.29 22.10
CA ASN A 27 10.25 0.90 21.25
C ASN A 27 11.27 0.99 20.08
N SER A 28 11.69 -0.15 19.56
CA SER A 28 12.57 -0.25 18.38
CA SER A 28 12.59 -0.19 18.41
C SER A 28 11.86 0.33 17.18
N TYR A 29 12.61 0.96 16.28
CA TYR A 29 12.07 1.45 15.02
C TYR A 29 13.23 1.73 14.05
N VAL A 30 12.90 1.79 12.79
CA VAL A 30 13.91 2.11 11.77
C VAL A 30 13.76 3.57 11.39
N ASP A 31 14.88 4.27 11.23
CA ASP A 31 14.84 5.59 10.62
C ASP A 31 15.80 5.68 9.44
N TYR A 32 15.65 6.76 8.67
CA TYR A 32 16.26 6.96 7.37
C TYR A 32 16.96 8.33 7.37
N LYS A 33 18.14 8.38 6.81
CA LYS A 33 18.86 9.63 6.61
C LYS A 33 18.27 10.35 5.40
N ILE A 34 17.94 11.62 5.60
CA ILE A 34 17.51 12.50 4.51
C ILE A 34 18.52 13.58 4.23
N PHE A 35 19.12 13.51 3.04
CA PHE A 35 20.06 14.54 2.58
C PHE A 35 19.31 15.52 1.69
N LEU A 36 19.53 16.80 1.88
CA LEU A 36 19.04 17.84 1.00
C LEU A 36 20.18 18.75 0.57
N HIS A 37 20.27 19.05 -0.72
CA HIS A 37 21.23 20.03 -1.23
C HIS A 37 20.47 20.96 -2.13
N THR A 38 20.55 22.24 -1.84
CA THR A 38 19.75 23.19 -2.55
C THR A 38 20.33 24.59 -2.54
N ASN A 39 20.01 25.35 -3.57
CA ASN A 39 20.30 26.78 -3.61
C ASN A 39 18.98 27.58 -3.49
N SER A 40 17.88 26.89 -3.19
CA SER A 40 16.54 27.51 -3.08
C SER A 40 16.39 28.34 -1.84
N LYS A 41 15.68 29.46 -1.96
CA LYS A 41 15.38 30.31 -0.80
C LYS A 41 14.28 29.72 0.08
N ALA A 42 13.61 28.66 -0.38
CA ALA A 42 12.67 27.94 0.43
C ALA A 42 13.35 27.44 1.70
N PHE A 43 14.69 27.33 1.69
CA PHE A 43 15.38 26.61 2.77
C PHE A 43 16.42 27.43 3.47
N THR A 44 16.52 27.25 4.78
CA THR A 44 17.46 28.05 5.56
C THR A 44 18.90 27.56 5.36
N ALA A 45 19.07 26.30 5.02
CA ALA A 45 20.39 25.70 4.86
C ALA A 45 20.56 25.13 3.47
N LYS A 46 21.73 25.37 2.89
CA LYS A 46 22.05 24.84 1.58
C LYS A 46 22.24 23.33 1.61
N THR A 47 22.78 22.82 2.70
CA THR A 47 22.93 21.41 2.88
C THR A 47 22.33 21.03 4.26
N SER A 48 21.56 19.96 4.30
CA SER A 48 21.03 19.43 5.56
C SER A 48 21.05 17.92 5.53
N VAL A 50 19.19 14.98 8.13
CA VAL A 50 18.37 14.68 9.28
C VAL A 50 17.92 13.21 9.19
N ARG A 51 17.47 12.67 10.29
CA ARG A 51 16.90 11.31 10.28
C ARG A 51 15.41 11.36 10.66
N ARG A 52 14.60 10.65 9.89
CA ARG A 52 13.17 10.55 10.09
C ARG A 52 12.71 9.11 9.88
N ARG A 53 11.68 8.76 10.63
CA ARG A 53 11.06 7.43 10.58
C ARG A 53 9.74 7.45 9.79
N TYR A 54 9.21 6.27 9.45
CA TYR A 54 8.03 6.20 8.58
C TYR A 54 6.84 6.98 9.13
N ARG A 55 6.60 6.87 10.43
CA ARG A 55 5.40 7.48 10.99
C ARG A 55 5.50 9.00 10.90
N GLU A 56 6.72 9.54 10.85
CA GLU A 56 6.85 10.97 10.66
C GLU A 56 6.53 11.36 9.22
N PHE A 57 6.87 10.51 8.27
CA PHE A 57 6.42 10.74 6.90
C PHE A 57 4.88 10.70 6.75
N VAL A 58 4.25 9.80 7.50
CA VAL A 58 2.80 9.74 7.51
C VAL A 58 2.20 11.05 8.01
N TRP A 59 2.73 11.55 9.12
CA TRP A 59 2.36 12.86 9.68
C TRP A 59 2.55 13.92 8.63
N LEU A 60 3.71 13.89 7.96
CA LEU A 60 4.03 14.92 6.92
C LEU A 60 3.03 14.92 5.76
N ARG A 61 2.69 13.75 5.26
CA ARG A 61 1.80 13.68 4.11
C ARG A 61 0.43 14.27 4.47
N LYS A 62 -0.08 13.93 5.64
CA LYS A 62 -1.33 14.52 6.12
C LYS A 62 -1.24 16.04 6.28
N GLN A 63 -0.10 16.52 6.78
CA GLN A 63 0.07 17.98 6.90
C GLN A 63 0.07 18.65 5.51
N LEU A 64 0.79 18.05 4.56
CA LEU A 64 0.79 18.52 3.21
C LEU A 64 -0.59 18.50 2.54
N GLN A 65 -1.44 17.58 2.96
CA GLN A 65 -2.81 17.52 2.43
C GLN A 65 -3.70 18.63 2.98
N ARG A 66 -3.20 19.41 3.93
CA ARG A 66 -3.88 20.62 4.39
C ARG A 66 -3.44 21.85 3.58
N ASN A 67 -2.68 21.65 2.50
CA ASN A 67 -2.14 22.80 1.76
C ASN A 67 -3.30 23.68 1.24
N ALA A 68 -3.01 24.96 1.17
CA ALA A 68 -3.99 25.98 0.85
C ALA A 68 -4.48 25.92 -0.58
N GLY A 69 -3.78 25.20 -1.44
CA GLY A 69 -4.16 25.10 -2.83
C GLY A 69 -5.04 23.92 -3.13
N LEU A 70 -5.25 23.05 -2.13
CA LEU A 70 -5.99 21.79 -2.29
C LEU A 70 -5.35 20.93 -3.37
N VAL A 71 -4.03 21.04 -3.53
CA VAL A 71 -3.34 20.22 -4.51
C VAL A 71 -3.15 18.81 -3.96
N PRO A 72 -3.17 17.82 -4.85
CA PRO A 72 -2.98 16.45 -4.37
C PRO A 72 -1.55 16.26 -3.88
N VAL A 73 -1.37 15.34 -2.95
CA VAL A 73 -0.03 15.10 -2.41
C VAL A 73 0.46 13.72 -2.87
N PRO A 74 1.71 13.63 -3.32
CA PRO A 74 2.19 12.30 -3.71
C PRO A 74 2.01 11.24 -2.66
N GLU A 75 1.79 10.01 -3.13
CA GLU A 75 1.64 8.88 -2.23
C GLU A 75 2.95 8.46 -1.57
N LEU A 76 2.84 7.96 -0.34
CA LEU A 76 3.91 7.29 0.35
C LEU A 76 3.94 5.82 -0.06
N PRO A 77 5.08 5.14 0.12
CA PRO A 77 5.03 3.69 0.01
C PRO A 77 4.21 3.17 1.17
N GLY A 78 3.58 2.01 1.02
CA GLY A 78 2.63 1.57 2.00
C GLY A 78 3.17 0.80 3.15
N LYS A 79 2.25 0.23 3.91
CA LYS A 79 2.56 -0.52 5.07
C LYS A 79 2.71 -2.01 4.75
N SER A 80 2.49 -2.42 3.50
CA SER A 80 2.50 -3.86 3.16
C SER A 80 3.78 -4.53 3.65
N THR A 81 3.64 -5.63 4.40
CA THR A 81 4.78 -6.44 4.84
C THR A 81 5.01 -7.67 3.91
N PHE A 82 4.40 -7.69 2.73
CA PHE A 82 4.42 -8.88 1.86
C PHE A 82 5.75 -8.90 1.09
N PHE A 83 6.78 -9.35 1.78
CA PHE A 83 8.13 -9.45 1.20
C PHE A 83 8.81 -10.68 1.74
N GLY A 84 9.54 -11.33 0.84
CA GLY A 84 10.34 -12.48 1.22
C GLY A 84 11.28 -12.18 2.35
N THR A 85 11.84 -10.95 2.33
CA THR A 85 12.83 -10.53 3.32
CA THR A 85 12.82 -10.53 3.32
C THR A 85 12.53 -9.12 3.83
N SER A 86 12.85 -8.88 5.09
CA SER A 86 12.81 -7.52 5.63
C SER A 86 13.71 -6.55 4.85
N ASP A 87 14.85 -7.01 4.32
CA ASP A 87 15.75 -6.11 3.56
C ASP A 87 15.04 -5.55 2.37
N GLU A 88 14.25 -6.39 1.70
CA GLU A 88 13.58 -5.95 0.51
C GLU A 88 12.50 -4.92 0.87
N PHE A 89 11.86 -5.15 2.00
CA PHE A 89 10.79 -4.26 2.50
C PHE A 89 11.36 -2.89 2.75
N ILE A 90 12.47 -2.86 3.47
CA ILE A 90 13.11 -1.61 3.84
C ILE A 90 13.65 -0.91 2.60
N GLU A 91 14.23 -1.62 1.66
CA GLU A 91 14.78 -0.96 0.47
C GLU A 91 13.66 -0.39 -0.41
N LYS A 92 12.55 -1.12 -0.55
CA LYS A 92 11.45 -0.60 -1.33
C LYS A 92 10.86 0.62 -0.60
N ARG A 93 10.81 0.55 0.72
CA ARG A 93 10.35 1.70 1.53
C ARG A 93 11.33 2.89 1.28
N ARG A 94 12.62 2.64 1.36
CA ARG A 94 13.60 3.72 1.18
C ARG A 94 13.45 4.38 -0.19
N GLN A 95 13.39 3.57 -1.25
CA GLN A 95 13.11 4.07 -2.59
C GLN A 95 11.84 4.91 -2.65
N GLY A 96 10.76 4.40 -2.06
CA GLY A 96 9.48 5.06 -2.08
C GLY A 96 9.44 6.37 -1.31
N LEU A 97 10.19 6.43 -0.22
CA LEU A 97 10.30 7.69 0.58
C LEU A 97 11.07 8.71 -0.23
N GLN A 98 12.14 8.29 -0.90
CA GLN A 98 12.88 9.21 -1.73
C GLN A 98 12.07 9.74 -2.90
N HIS A 99 11.31 8.85 -3.53
CA HIS A 99 10.45 9.21 -4.64
C HIS A 99 9.38 10.16 -4.19
N PHE A 100 8.79 9.90 -3.02
CA PHE A 100 7.79 10.78 -2.41
C PHE A 100 8.36 12.21 -2.28
N LEU A 101 9.54 12.33 -1.66
CA LEU A 101 10.13 13.66 -1.45
C LEU A 101 10.50 14.33 -2.76
N GLU A 102 11.01 13.57 -3.71
CA GLU A 102 11.32 14.17 -5.01
C GLU A 102 10.06 14.83 -5.61
N LYS A 103 8.97 14.11 -5.54
CA LYS A 103 7.72 14.58 -6.16
C LYS A 103 7.10 15.73 -5.38
N VAL A 104 7.21 15.67 -4.06
CA VAL A 104 6.76 16.78 -3.22
C VAL A 104 7.50 18.05 -3.60
N LEU A 105 8.81 17.95 -3.76
CA LEU A 105 9.64 19.11 -4.08
C LEU A 105 9.35 19.69 -5.47
N GLN A 106 8.63 18.97 -6.32
CA GLN A 106 8.33 19.43 -7.67
C GLN A 106 7.05 20.25 -7.71
N SER A 107 6.34 20.29 -6.60
CA SER A 107 5.07 20.98 -6.51
C SER A 107 5.29 22.24 -5.70
N VAL A 108 5.12 23.39 -6.33
CA VAL A 108 5.48 24.64 -5.67
C VAL A 108 4.73 24.89 -4.34
N VAL A 109 3.44 24.58 -4.25
CA VAL A 109 2.74 24.87 -2.98
C VAL A 109 3.23 23.92 -1.87
N LEU A 110 3.66 22.71 -2.25
CA LEU A 110 4.18 21.75 -1.26
C LEU A 110 5.64 22.04 -0.87
N LEU A 111 6.48 22.35 -1.87
CA LEU A 111 7.88 22.71 -1.68
C LEU A 111 8.04 23.85 -0.70
N SER A 112 7.11 24.80 -0.77
CA SER A 112 7.19 26.00 0.06
C SER A 112 6.60 25.85 1.46
N ASP A 113 6.05 24.67 1.81
CA ASP A 113 5.39 24.46 3.07
C ASP A 113 6.34 24.64 4.28
N SER A 114 5.93 25.45 5.22
CA SER A 114 6.80 25.73 6.34
C SER A 114 7.07 24.49 7.19
N GLN A 115 6.12 23.56 7.26
CA GLN A 115 6.31 22.38 8.11
C GLN A 115 7.18 21.35 7.38
N LEU A 116 7.08 21.30 6.07
CA LEU A 116 8.03 20.50 5.27
C LEU A 116 9.44 20.98 5.56
N HIS A 117 9.65 22.28 5.63
CA HIS A 117 11.01 22.80 5.87
C HIS A 117 11.51 22.35 7.23
N LEU A 118 10.66 22.37 8.24
CA LEU A 118 11.03 21.90 9.58
C LEU A 118 11.31 20.39 9.60
N PHE A 119 10.53 19.63 8.83
CA PHE A 119 10.73 18.17 8.71
C PHE A 119 12.07 17.81 8.09
N LEU A 120 12.47 18.55 7.05
CA LEU A 120 13.65 18.23 6.22
C LEU A 120 14.93 18.83 6.78
N GLN A 121 14.81 19.98 7.44
CA GLN A 121 16.01 20.70 7.86
C GLN A 121 16.17 20.87 9.38
N SER A 122 15.29 20.24 10.16
CA SER A 122 15.50 20.16 11.61
C SER A 122 15.24 18.75 12.04
N GLN A 123 15.62 18.45 13.27
CA GLN A 123 15.21 17.22 13.93
C GLN A 123 14.25 17.44 15.10
N LEU A 124 13.48 18.51 15.03
CA LEU A 124 12.29 18.62 15.83
C LEU A 124 11.36 17.42 15.63
N SER A 125 10.86 16.93 16.75
CA SER A 125 9.83 15.87 16.73
C SER A 125 8.54 16.42 16.16
N VAL A 126 7.63 15.52 15.79
CA VAL A 126 6.35 15.98 15.28
C VAL A 126 5.62 16.89 16.30
N PRO A 127 5.55 16.50 17.59
CA PRO A 127 4.90 17.42 18.55
C PRO A 127 5.63 18.75 18.70
N GLU A 128 6.94 18.71 18.62
CA GLU A 128 7.74 19.92 18.63
C GLU A 128 7.48 20.82 17.43
N ILE A 129 7.32 20.24 16.25
CA ILE A 129 6.95 21.06 15.09
C ILE A 129 5.58 21.69 15.31
N GLU A 130 4.64 20.87 15.77
CA GLU A 130 3.28 21.34 16.05
C GLU A 130 3.31 22.50 17.04
N ALA A 131 4.16 22.42 18.08
CA ALA A 131 4.30 23.48 19.07
C ALA A 131 4.94 24.74 18.47
N VAL A 133 4.89 25.76 15.35
CA VAL A 133 4.03 26.48 14.38
C VAL A 133 2.87 27.18 15.11
N GLN A 134 2.74 26.93 16.40
CA GLN A 134 1.80 27.69 17.26
C GLN A 134 2.50 28.70 18.18
N GLY A 135 3.82 28.75 18.15
CA GLY A 135 4.59 29.67 18.95
C GLY A 135 4.59 29.23 20.41
N ARG A 136 4.51 27.92 20.59
CA ARG A 136 4.44 27.33 21.93
C ARG A 136 5.66 26.49 22.26
N LEU A 137 6.74 26.59 21.48
CA LEU A 137 7.89 25.68 21.68
C LEU A 137 8.79 26.16 22.82
N GLU B 9 6.63 -7.18 -17.66
CA GLU B 9 5.25 -7.72 -17.73
C GLU B 9 4.37 -7.24 -16.55
N VAL B 10 3.31 -6.49 -16.86
CA VAL B 10 2.43 -5.94 -15.82
C VAL B 10 1.14 -6.76 -15.74
N ILE B 11 0.55 -6.78 -14.54
CA ILE B 11 -0.75 -7.41 -14.34
C ILE B 11 -1.68 -6.29 -13.87
N THR B 12 -2.74 -6.02 -14.60
CA THR B 12 -3.74 -5.03 -14.17
C THR B 12 -4.94 -5.81 -13.64
N VAL B 13 -5.33 -5.55 -12.40
CA VAL B 13 -6.50 -6.20 -11.83
C VAL B 13 -7.42 -5.14 -11.26
N ARG B 14 -8.72 -5.36 -11.46
CA ARG B 14 -9.75 -4.48 -10.96
C ARG B 14 -10.84 -5.34 -10.32
N VAL B 15 -11.40 -4.87 -9.22
CA VAL B 15 -12.53 -5.53 -8.58
C VAL B 15 -13.64 -4.48 -8.65
N GLN B 16 -14.72 -4.83 -9.38
CA GLN B 16 -15.74 -3.90 -9.76
C GLN B 16 -17.15 -4.48 -9.62
N ASP B 17 -18.13 -3.61 -9.85
CA ASP B 17 -19.48 -4.03 -10.14
C ASP B 17 -20.05 -5.01 -9.11
N PRO B 18 -20.07 -4.62 -7.84
CA PRO B 18 -20.69 -5.54 -6.87
C PRO B 18 -22.16 -5.72 -7.21
N ARG B 19 -22.63 -6.97 -7.09
CA ARG B 19 -24.04 -7.30 -7.42
C ARG B 19 -24.61 -8.25 -6.41
N VAL B 20 -25.94 -8.16 -6.17
CA VAL B 20 -26.57 -9.13 -5.27
C VAL B 20 -27.08 -10.29 -6.11
N GLN B 21 -26.63 -11.48 -5.75
CA GLN B 21 -27.08 -12.71 -6.33
C GLN B 21 -28.14 -13.35 -5.43
N ASN B 22 -29.07 -14.08 -6.04
CA ASN B 22 -30.23 -14.65 -5.31
C ASN B 22 -30.96 -13.60 -4.43
N GLU B 23 -31.18 -12.40 -4.94
CA GLU B 23 -31.67 -11.32 -4.08
C GLU B 23 -33.01 -11.73 -3.47
N GLY B 24 -33.19 -11.42 -2.20
CA GLY B 24 -34.42 -11.78 -1.50
C GLY B 24 -34.58 -13.23 -1.06
N SER B 25 -33.54 -14.05 -1.18
CA SER B 25 -33.63 -15.43 -0.79
C SER B 25 -32.67 -15.72 0.33
N TRP B 26 -32.86 -16.90 0.93
CA TRP B 26 -32.05 -17.35 2.06
C TRP B 26 -30.59 -17.44 1.72
N ASN B 27 -30.30 -17.68 0.44
CA ASN B 27 -28.92 -17.84 -0.03
C ASN B 27 -28.44 -16.65 -0.83
N SER B 28 -29.01 -15.48 -0.54
CA SER B 28 -28.55 -14.26 -1.19
CA SER B 28 -28.58 -14.22 -1.14
C SER B 28 -27.13 -13.97 -0.76
N TYR B 29 -26.35 -13.40 -1.67
CA TYR B 29 -24.99 -12.97 -1.34
C TYR B 29 -24.59 -11.88 -2.34
N VAL B 30 -23.54 -11.14 -1.99
CA VAL B 30 -22.91 -10.19 -2.91
C VAL B 30 -21.70 -10.80 -3.57
N ASP B 31 -21.57 -10.57 -4.86
CA ASP B 31 -20.31 -10.88 -5.49
C ASP B 31 -19.78 -9.73 -6.27
N TYR B 32 -18.57 -9.96 -6.80
CA TYR B 32 -17.74 -8.90 -7.39
C TYR B 32 -17.12 -9.38 -8.68
N LYS B 33 -17.07 -8.49 -9.68
CA LYS B 33 -16.42 -8.76 -10.91
C LYS B 33 -14.93 -8.56 -10.69
N ILE B 34 -14.13 -9.55 -11.08
CA ILE B 34 -12.66 -9.46 -11.09
C ILE B 34 -12.25 -9.44 -12.54
N PHE B 35 -11.76 -8.29 -12.97
CA PHE B 35 -11.29 -8.13 -14.33
C PHE B 35 -9.78 -8.09 -14.30
N LEU B 36 -9.14 -8.91 -15.12
CA LEU B 36 -7.71 -8.92 -15.20
C LEU B 36 -7.29 -8.77 -16.65
N HIS B 37 -6.28 -7.92 -16.90
CA HIS B 37 -5.56 -7.91 -18.18
CA HIS B 37 -5.54 -7.89 -18.18
C HIS B 37 -4.07 -7.96 -17.93
N THR B 38 -3.39 -8.79 -18.71
CA THR B 38 -1.97 -8.91 -18.53
C THR B 38 -1.34 -9.37 -19.83
N ASN B 39 -0.07 -9.02 -19.99
CA ASN B 39 0.76 -9.55 -21.05
C ASN B 39 1.71 -10.60 -20.49
N SER B 40 1.55 -10.95 -19.22
CA SER B 40 2.33 -12.01 -18.61
C SER B 40 2.06 -13.38 -19.24
N LYS B 41 3.12 -14.03 -19.71
CA LYS B 41 2.98 -15.24 -20.49
C LYS B 41 2.43 -16.40 -19.69
N ALA B 42 2.53 -16.35 -18.36
CA ALA B 42 2.12 -17.45 -17.50
C ALA B 42 0.60 -17.61 -17.43
N PHE B 43 -0.13 -16.52 -17.63
CA PHE B 43 -1.58 -16.57 -17.49
C PHE B 43 -2.25 -17.17 -18.72
N THR B 44 -3.28 -17.98 -18.50
CA THR B 44 -3.93 -18.71 -19.57
C THR B 44 -4.73 -17.77 -20.49
N ALA B 45 -5.12 -16.62 -19.95
CA ALA B 45 -5.97 -15.69 -20.68
C ALA B 45 -5.42 -14.27 -20.50
N LYS B 46 -5.30 -13.55 -21.61
CA LYS B 46 -4.79 -12.17 -21.56
C LYS B 46 -5.78 -11.27 -20.86
N THR B 47 -7.05 -11.58 -20.97
CA THR B 47 -8.10 -10.83 -20.28
CA THR B 47 -8.04 -10.86 -20.20
C THR B 47 -9.14 -11.80 -19.75
N SER B 48 -9.48 -11.68 -18.47
CA SER B 48 -10.46 -12.52 -17.86
C SER B 48 -11.41 -11.68 -17.03
N VAL B 50 -14.32 -12.72 -14.11
CA VAL B 50 -14.94 -13.77 -13.30
C VAL B 50 -15.65 -13.08 -12.16
N ARG B 51 -16.57 -13.77 -11.53
CA ARG B 51 -17.19 -13.20 -10.38
C ARG B 51 -16.86 -14.04 -9.15
N ARG B 52 -16.47 -13.36 -8.08
CA ARG B 52 -16.17 -14.03 -6.80
C ARG B 52 -16.78 -13.28 -5.65
N ARG B 53 -17.19 -14.06 -4.65
CA ARG B 53 -17.79 -13.52 -3.44
C ARG B 53 -16.69 -13.49 -2.33
N TYR B 54 -16.99 -12.75 -1.29
CA TYR B 54 -16.06 -12.55 -0.18
C TYR B 54 -15.53 -13.86 0.40
N ARG B 55 -16.40 -14.85 0.64
CA ARG B 55 -15.95 -16.08 1.28
C ARG B 55 -14.94 -16.82 0.42
N GLU B 56 -15.04 -16.64 -0.90
CA GLU B 56 -14.06 -17.22 -1.81
C GLU B 56 -12.69 -16.57 -1.69
N PHE B 57 -12.67 -15.27 -1.46
CA PHE B 57 -11.41 -14.58 -1.19
C PHE B 57 -10.83 -15.11 0.14
N VAL B 58 -11.68 -15.31 1.15
CA VAL B 58 -11.22 -15.86 2.44
C VAL B 58 -10.54 -17.23 2.25
N TRP B 59 -11.18 -18.08 1.46
CA TRP B 59 -10.63 -19.38 1.12
C TRP B 59 -9.31 -19.20 0.43
N LEU B 60 -9.25 -18.27 -0.53
CA LEU B 60 -8.02 -18.10 -1.30
C LEU B 60 -6.87 -17.70 -0.41
N ARG B 61 -7.09 -16.75 0.47
CA ARG B 61 -5.99 -16.25 1.28
C ARG B 61 -5.40 -17.35 2.12
N LYS B 62 -6.25 -18.24 2.62
CA LYS B 62 -5.75 -19.31 3.47
C LYS B 62 -4.80 -20.21 2.66
N GLN B 63 -5.13 -20.46 1.40
CA GLN B 63 -4.29 -21.27 0.55
C GLN B 63 -2.99 -20.54 0.27
N LEU B 64 -3.09 -19.24 -0.02
CA LEU B 64 -1.92 -18.47 -0.34
C LEU B 64 -0.96 -18.36 0.86
N GLN B 65 -1.52 -18.19 2.04
CA GLN B 65 -0.66 -18.04 3.23
C GLN B 65 0.07 -19.37 3.55
N ARG B 66 -0.57 -20.48 3.25
CA ARG B 66 0.08 -21.79 3.45
C ARG B 66 1.29 -21.89 2.49
N ASN B 67 1.10 -21.45 1.25
CA ASN B 67 2.17 -21.37 0.28
C ASN B 67 3.32 -20.41 0.67
N ALA B 68 2.99 -19.27 1.26
CA ALA B 68 3.98 -18.28 1.68
C ALA B 68 4.80 -18.65 2.91
N GLY B 69 4.34 -19.60 3.69
CA GLY B 69 4.99 -19.97 4.95
C GLY B 69 4.86 -18.83 5.92
N LEU B 70 5.99 -18.35 6.42
CA LEU B 70 5.99 -17.24 7.37
C LEU B 70 6.07 -15.84 6.70
N VAL B 71 6.06 -15.75 5.37
CA VAL B 71 5.94 -14.47 4.69
C VAL B 71 4.46 -14.03 4.79
N PRO B 72 4.18 -12.80 5.31
CA PRO B 72 2.77 -12.43 5.54
C PRO B 72 2.07 -11.99 4.29
N VAL B 73 1.04 -12.74 3.91
CA VAL B 73 0.28 -12.42 2.69
C VAL B 73 -0.66 -11.22 2.98
N PRO B 74 -1.01 -10.44 1.94
CA PRO B 74 -1.81 -9.25 2.17
C PRO B 74 -3.09 -9.55 2.90
N GLU B 75 -3.58 -8.61 3.71
CA GLU B 75 -4.77 -8.82 4.48
C GLU B 75 -5.99 -8.59 3.58
N LEU B 76 -7.08 -9.21 3.91
CA LEU B 76 -8.37 -8.93 3.30
C LEU B 76 -9.08 -7.89 4.12
N PRO B 77 -10.04 -7.17 3.54
CA PRO B 77 -10.95 -6.37 4.38
C PRO B 77 -11.80 -7.29 5.26
N GLY B 78 -12.27 -6.80 6.42
CA GLY B 78 -12.95 -7.68 7.37
C GLY B 78 -14.47 -7.82 7.28
N LYS B 79 -15.06 -8.47 8.29
CA LYS B 79 -16.51 -8.75 8.38
C LYS B 79 -17.29 -7.67 9.10
N SER B 80 -16.60 -6.88 9.93
CA SER B 80 -17.31 -5.97 10.81
C SER B 80 -17.89 -4.80 10.04
N THR B 81 -19.17 -4.58 10.25
CA THR B 81 -19.89 -3.53 9.53
C THR B 81 -19.81 -2.23 10.36
N PHE B 82 -18.61 -1.63 10.32
CA PHE B 82 -18.30 -0.36 11.03
C PHE B 82 -18.63 0.91 10.23
N PHE B 83 -18.83 0.77 8.94
CA PHE B 83 -19.26 1.85 8.10
C PHE B 83 -20.75 2.05 8.31
N GLY B 84 -21.25 3.23 8.00
CA GLY B 84 -22.62 3.54 8.38
C GLY B 84 -23.72 2.88 7.57
N THR B 85 -23.40 2.46 6.35
CA THR B 85 -24.40 1.98 5.44
C THR B 85 -23.92 0.74 4.69
N SER B 86 -24.86 -0.04 4.20
CA SER B 86 -24.55 -1.22 3.40
C SER B 86 -23.77 -0.79 2.15
N ASP B 87 -24.19 0.32 1.53
CA ASP B 87 -23.49 0.85 0.36
C ASP B 87 -22.01 1.13 0.63
N GLU B 88 -21.75 1.78 1.77
CA GLU B 88 -20.38 2.15 2.11
C GLU B 88 -19.58 0.91 2.49
N PHE B 89 -20.19 -0.01 3.22
CA PHE B 89 -19.58 -1.30 3.55
C PHE B 89 -19.11 -2.03 2.26
N ILE B 90 -19.99 -2.12 1.29
CA ILE B 90 -19.68 -2.87 0.07
C ILE B 90 -18.60 -2.14 -0.74
N GLU B 91 -18.68 -0.83 -0.82
CA GLU B 91 -17.69 -0.07 -1.60
C GLU B 91 -16.31 -0.16 -0.97
N LYS B 92 -16.22 -0.05 0.36
CA LYS B 92 -14.94 -0.22 1.03
C LYS B 92 -14.41 -1.65 0.92
N ARG B 93 -15.29 -2.63 1.02
CA ARG B 93 -14.92 -4.03 0.74
C ARG B 93 -14.35 -4.17 -0.67
N ARG B 94 -15.04 -3.66 -1.66
CA ARG B 94 -14.56 -3.76 -3.02
C ARG B 94 -13.14 -3.19 -3.14
N GLN B 95 -12.97 -2.00 -2.59
CA GLN B 95 -11.65 -1.35 -2.62
C GLN B 95 -10.60 -2.23 -1.98
N GLY B 96 -10.97 -2.83 -0.84
CA GLY B 96 -10.07 -3.71 -0.08
C GLY B 96 -9.73 -5.00 -0.81
N LEU B 97 -10.71 -5.52 -1.53
CA LEU B 97 -10.51 -6.70 -2.35
C LEU B 97 -9.60 -6.41 -3.54
N GLN B 98 -9.76 -5.26 -4.19
CA GLN B 98 -8.88 -4.87 -5.29
C GLN B 98 -7.45 -4.71 -4.78
N HIS B 99 -7.32 -4.10 -3.59
CA HIS B 99 -6.00 -3.81 -2.99
C HIS B 99 -5.28 -5.11 -2.65
N PHE B 100 -6.03 -6.07 -2.11
CA PHE B 100 -5.53 -7.40 -1.84
C PHE B 100 -4.96 -8.03 -3.10
N LEU B 101 -5.76 -8.03 -4.18
CA LEU B 101 -5.30 -8.66 -5.42
C LEU B 101 -4.10 -7.90 -6.02
N GLU B 102 -4.12 -6.57 -5.97
CA GLU B 102 -3.01 -5.77 -6.50
C GLU B 102 -1.71 -6.20 -5.80
N LYS B 103 -1.76 -6.24 -4.48
CA LYS B 103 -0.57 -6.66 -3.71
C LYS B 103 -0.16 -8.10 -3.95
N VAL B 104 -1.12 -9.01 -4.01
CA VAL B 104 -0.85 -10.38 -4.35
C VAL B 104 -0.15 -10.53 -5.71
N LEU B 105 -0.60 -9.79 -6.69
CA LEU B 105 -0.18 -9.99 -8.07
C LEU B 105 1.10 -9.21 -8.44
N GLN B 106 1.41 -8.18 -7.66
CA GLN B 106 2.54 -7.26 -7.94
C GLN B 106 3.85 -7.83 -7.42
N SER B 107 3.78 -8.98 -6.79
CA SER B 107 4.93 -9.62 -6.21
C SER B 107 5.12 -10.90 -6.98
N VAL B 108 6.35 -11.46 -6.98
CA VAL B 108 6.61 -12.74 -7.67
C VAL B 108 6.37 -13.95 -6.79
N VAL B 109 6.25 -13.71 -5.49
CA VAL B 109 6.08 -14.78 -4.48
C VAL B 109 5.00 -15.88 -4.70
N LEU B 110 3.82 -15.49 -5.15
CA LEU B 110 2.63 -16.37 -5.24
C LEU B 110 2.12 -16.61 -6.68
N LEU B 111 2.88 -16.17 -7.67
CA LEU B 111 2.40 -16.20 -9.05
C LEU B 111 2.44 -17.60 -9.65
N SER B 112 3.01 -18.56 -8.95
CA SER B 112 2.98 -19.97 -9.38
C SER B 112 1.85 -20.76 -8.76
N ASP B 113 1.02 -20.09 -7.95
CA ASP B 113 0.02 -20.82 -7.18
C ASP B 113 -1.13 -21.22 -8.08
N SER B 114 -1.34 -22.52 -8.21
CA SER B 114 -2.38 -23.04 -9.09
C SER B 114 -3.77 -22.51 -8.70
N GLN B 115 -4.03 -22.45 -7.42
CA GLN B 115 -5.32 -22.00 -6.86
CA GLN B 115 -5.37 -22.04 -7.00
C GLN B 115 -5.63 -20.56 -7.27
N LEU B 116 -4.61 -19.74 -7.16
CA LEU B 116 -4.73 -18.33 -7.55
C LEU B 116 -5.16 -18.22 -9.01
N HIS B 117 -4.49 -18.94 -9.91
CA HIS B 117 -4.89 -18.91 -11.33
C HIS B 117 -6.31 -19.34 -11.60
N LEU B 118 -6.75 -20.41 -10.93
CA LEU B 118 -8.08 -20.91 -11.15
C LEU B 118 -9.11 -19.97 -10.53
N PHE B 119 -8.76 -19.37 -9.38
CA PHE B 119 -9.63 -18.38 -8.79
C PHE B 119 -9.86 -17.20 -9.75
N LEU B 120 -8.79 -16.74 -10.39
CA LEU B 120 -8.83 -15.52 -11.18
C LEU B 120 -9.40 -15.72 -12.57
N GLN B 121 -9.16 -16.88 -13.16
CA GLN B 121 -9.42 -17.00 -14.62
C GLN B 121 -10.32 -18.18 -15.01
N SER B 122 -10.88 -18.87 -14.03
CA SER B 122 -11.90 -19.90 -14.28
C SER B 122 -13.14 -19.55 -13.49
N GLN B 123 -14.29 -20.17 -13.79
CA GLN B 123 -15.45 -19.99 -12.93
C GLN B 123 -15.70 -21.38 -12.24
N LEU B 124 -14.64 -22.17 -12.04
CA LEU B 124 -14.68 -23.28 -11.07
C LEU B 124 -15.04 -22.75 -9.68
N SER B 125 -15.92 -23.46 -8.97
CA SER B 125 -16.24 -23.17 -7.57
C SER B 125 -15.04 -23.57 -6.69
N VAL B 126 -15.06 -23.16 -5.44
CA VAL B 126 -14.00 -23.53 -4.51
C VAL B 126 -13.85 -25.04 -4.37
N PRO B 127 -14.97 -25.78 -4.19
CA PRO B 127 -14.80 -27.22 -4.13
C PRO B 127 -14.20 -27.82 -5.39
N GLU B 128 -14.58 -27.26 -6.53
CA GLU B 128 -14.06 -27.76 -7.80
C GLU B 128 -12.56 -27.48 -7.94
N ILE B 129 -12.13 -26.32 -7.47
CA ILE B 129 -10.70 -25.99 -7.48
C ILE B 129 -9.93 -26.96 -6.59
N GLU B 130 -10.46 -27.22 -5.41
CA GLU B 130 -9.80 -28.13 -4.47
C GLU B 130 -9.69 -29.52 -5.08
N ALA B 131 -10.76 -29.96 -5.74
CA ALA B 131 -10.75 -31.26 -6.44
C ALA B 131 -9.73 -31.25 -7.58
N VAL B 133 -6.93 -29.54 -8.01
CA VAL B 133 -5.53 -29.54 -7.62
C VAL B 133 -5.16 -30.73 -6.74
N GLN B 134 -6.14 -31.40 -6.16
CA GLN B 134 -5.88 -32.63 -5.42
C GLN B 134 -5.83 -33.85 -6.35
N GLY B 135 -6.40 -33.71 -7.55
CA GLY B 135 -6.60 -34.83 -8.47
C GLY B 135 -7.82 -35.67 -8.12
#